data_1XQI
#
_entry.id   1XQI
#
_cell.length_a   125.022
_cell.length_b   72.041
_cell.length_c   104.993
_cell.angle_alpha   90.00
_cell.angle_beta   133.30
_cell.angle_gamma   90.00
#
_symmetry.space_group_name_H-M   'C 1 2 1'
#
loop_
_entity.id
_entity.type
_entity.pdbx_description
1 polymer 'Nucleoside diphosphate kinase'
2 non-polymer 2-AMINO-2-HYDROXYMETHYL-PROPANE-1,3-DIOL
3 non-polymer 'TRIETHYLENE GLYCOL'
4 water water
#
_entity_poly.entity_id   1
_entity_poly.type   'polypeptide(L)'
_entity_poly.pdbx_seq_one_letter_code
;(MSE)HAINIAFFDLI(MSE)PVEKTLLILKPDAVARGLVDEIISRFKKAGLKIVALK(MSE)VKASPEEIERFYPSSEE
WLQSAGQKLLKAYQELGIDPRAKIGTDDPVEVGRIIKRNLVKY(MSE)TSGPNVV(MSE)VLKGNRAVEIVRKLVGPTSP
HSAPPGTIRGDYSIDSPDLAAEEGRVVFNLVHASDSPSEAEREIRFWFREEEVLE
;
_entity_poly.pdbx_strand_id   A,B,C
#
loop_
_chem_comp.id
_chem_comp.type
_chem_comp.name
_chem_comp.formula
PGE non-polymer 'TRIETHYLENE GLYCOL' 'C6 H14 O4'
TRS non-polymer 2-AMINO-2-HYDROXYMETHYL-PROPANE-1,3-DIOL 'C4 H12 N O3 1'
#
# COMPACT_ATOMS: atom_id res chain seq x y z
N PRO A 14 40.25 32.04 -7.10
CA PRO A 14 39.81 30.60 -6.96
C PRO A 14 38.30 30.46 -7.31
N VAL A 15 37.97 29.66 -8.36
CA VAL A 15 36.68 29.79 -9.09
C VAL A 15 35.39 29.45 -8.26
N GLU A 16 34.36 30.28 -8.45
CA GLU A 16 33.12 30.35 -7.67
C GLU A 16 32.21 29.11 -7.89
N LYS A 17 31.45 28.74 -6.86
CA LYS A 17 30.66 27.53 -6.84
C LYS A 17 29.30 27.89 -6.36
N THR A 18 28.31 27.07 -6.64
CA THR A 18 26.99 27.34 -6.09
C THR A 18 26.26 26.04 -5.81
N LEU A 19 25.25 26.07 -4.97
CA LEU A 19 24.51 24.87 -4.62
C LEU A 19 23.15 24.93 -5.30
N LEU A 20 22.83 23.85 -6.00
CA LEU A 20 21.52 23.67 -6.60
C LEU A 20 20.86 22.40 -6.07
N ILE A 21 19.58 22.49 -5.73
CA ILE A 21 18.78 21.32 -5.27
C ILE A 21 17.62 21.08 -6.20
N LEU A 22 17.55 19.89 -6.80
CA LEU A 22 16.34 19.50 -7.49
C LEU A 22 15.40 18.98 -6.39
N LYS A 23 14.22 19.57 -6.30
CA LYS A 23 13.22 19.32 -5.23
C LYS A 23 12.38 18.12 -5.59
N PRO A 24 11.62 17.58 -4.63
CA PRO A 24 11.00 16.28 -4.94
C PRO A 24 10.12 16.23 -6.23
N ASP A 25 9.29 17.25 -6.48
CA ASP A 25 8.48 17.28 -7.72
C ASP A 25 9.39 17.03 -8.95
N ALA A 26 10.40 17.88 -9.09
CA ALA A 26 11.33 17.78 -10.21
C ALA A 26 12.09 16.47 -10.28
N VAL A 27 12.46 15.85 -9.15
CA VAL A 27 13.10 14.52 -9.23
C VAL A 27 12.08 13.52 -9.74
N ALA A 28 10.85 13.64 -9.25
CA ALA A 28 9.77 12.62 -9.56
C ALA A 28 9.36 12.68 -11.03
N ARG A 29 9.39 13.87 -11.60
CA ARG A 29 9.00 14.04 -12.97
C ARG A 29 10.10 13.62 -13.96
N GLY A 30 11.29 13.24 -13.47
CA GLY A 30 12.37 12.77 -14.33
C GLY A 30 13.20 13.89 -14.93
N LEU A 31 13.27 15.03 -14.23
CA LEU A 31 13.94 16.22 -14.77
C LEU A 31 15.40 16.35 -14.38
N VAL A 32 15.96 15.33 -13.78
CA VAL A 32 17.31 15.47 -13.37
C VAL A 32 18.20 15.65 -14.59
N ASP A 33 17.96 14.89 -15.65
CA ASP A 33 18.89 14.91 -16.75
C ASP A 33 18.67 16.18 -17.57
N GLU A 34 17.43 16.60 -17.73
CA GLU A 34 17.15 17.77 -18.51
C GLU A 34 17.85 18.99 -17.92
N ILE A 35 17.72 19.12 -16.59
CA ILE A 35 18.34 20.24 -15.82
C ILE A 35 19.89 20.19 -15.84
N ILE A 36 20.45 19.01 -15.60
CA ILE A 36 21.87 18.82 -15.71
C ILE A 36 22.31 19.23 -17.12
N SER A 37 21.56 18.87 -18.16
CA SER A 37 21.97 19.28 -19.50
C SER A 37 22.13 20.82 -19.71
N ARG A 38 21.24 21.63 -19.14
CA ARG A 38 21.33 23.08 -19.30
C ARG A 38 22.63 23.62 -18.68
N PHE A 39 23.07 23.01 -17.58
CA PHE A 39 24.23 23.57 -16.90
C PHE A 39 25.51 23.14 -17.62
N LYS A 40 25.56 21.87 -18.05
CA LYS A 40 26.67 21.35 -18.84
C LYS A 40 26.81 22.18 -20.11
N LYS A 41 25.70 22.51 -20.75
CA LYS A 41 25.79 23.27 -21.98
C LYS A 41 26.31 24.66 -21.79
N ALA A 42 26.15 25.24 -20.62
CA ALA A 42 26.56 26.62 -20.38
C ALA A 42 28.05 26.69 -20.07
N GLY A 43 28.63 25.55 -19.74
CA GLY A 43 30.02 25.54 -19.33
C GLY A 43 30.20 25.36 -17.83
N LEU A 44 29.15 25.15 -17.05
CA LEU A 44 29.36 24.81 -15.64
C LEU A 44 29.78 23.34 -15.43
N LYS A 45 30.70 23.08 -14.50
CA LYS A 45 31.07 21.68 -14.17
C LYS A 45 30.32 21.27 -12.91
N ILE A 46 29.78 20.05 -12.85
CA ILE A 46 29.25 19.47 -11.59
C ILE A 46 30.42 18.91 -10.78
N VAL A 47 30.66 19.43 -9.57
CA VAL A 47 31.80 18.97 -8.75
C VAL A 47 31.33 18.20 -7.48
N ALA A 48 30.00 18.08 -7.30
CA ALA A 48 29.36 17.32 -6.22
C ALA A 48 27.92 17.03 -6.64
N LEU A 49 27.47 15.83 -6.34
CA LEU A 49 26.18 15.34 -6.78
C LEU A 49 25.76 14.20 -5.89
N LYS A 50 24.59 14.27 -5.26
CA LYS A 50 24.01 13.12 -4.61
C LYS A 50 22.49 13.18 -4.54
N MSE A 51 21.84 12.02 -4.59
CA MSE A 51 20.38 11.90 -4.33
C MSE A 51 20.26 11.69 -2.78
O MSE A 51 20.97 10.85 -2.20
CB MSE A 51 19.75 10.75 -5.13
CG MSE A 51 18.27 10.50 -4.76
SE MSE A 51 17.48 9.23 -5.78
CE MSE A 51 17.42 10.17 -7.27
N VAL A 52 19.40 12.46 -2.11
CA VAL A 52 19.20 12.32 -0.67
C VAL A 52 17.74 12.40 -0.29
N LYS A 53 17.34 11.51 0.60
CA LYS A 53 16.11 11.66 1.40
C LYS A 53 16.39 12.47 2.67
N ALA A 54 16.01 13.74 2.66
CA ALA A 54 16.32 14.62 3.80
C ALA A 54 15.30 14.50 4.93
N SER A 55 15.78 14.62 6.16
CA SER A 55 14.87 14.66 7.32
C SER A 55 14.31 16.06 7.56
N PRO A 56 13.11 16.15 8.16
CA PRO A 56 12.68 17.47 8.67
C PRO A 56 13.72 18.35 9.35
N GLU A 57 14.48 17.83 10.33
CA GLU A 57 15.45 18.71 11.05
C GLU A 57 16.51 19.27 10.11
N GLU A 58 16.94 18.46 9.16
CA GLU A 58 17.95 18.88 8.17
C GLU A 58 17.48 20.05 7.34
N ILE A 59 16.24 20.01 6.87
CA ILE A 59 15.71 21.10 6.10
C ILE A 59 15.48 22.34 6.98
N GLU A 60 15.03 22.10 8.23
CA GLU A 60 14.91 23.15 9.27
C GLU A 60 16.22 23.90 9.44
N ARG A 61 17.33 23.18 9.48
CA ARG A 61 18.64 23.85 9.63
C ARG A 61 19.24 24.36 8.33
N PHE A 62 18.81 23.84 7.19
CA PHE A 62 19.39 24.32 5.93
C PHE A 62 18.88 25.70 5.56
N TYR A 63 17.59 25.93 5.80
CA TYR A 63 16.99 27.25 5.61
C TYR A 63 17.27 28.14 6.76
N PRO A 64 17.50 29.45 6.50
CA PRO A 64 17.84 30.37 7.61
C PRO A 64 16.75 30.41 8.66
N SER A 65 17.12 30.82 9.87
CA SER A 65 16.13 31.09 10.87
C SER A 65 16.25 32.53 11.35
N SER A 66 16.95 33.37 10.59
CA SER A 66 17.06 34.76 10.96
C SER A 66 15.68 35.44 10.91
N GLU A 67 15.45 36.39 11.80
CA GLU A 67 14.18 37.16 11.75
C GLU A 67 14.08 37.84 10.41
N GLU A 68 15.23 38.31 9.94
CA GLU A 68 15.31 39.05 8.68
C GLU A 68 14.73 38.22 7.53
N TRP A 69 15.25 37.02 7.34
CA TRP A 69 14.75 36.09 6.35
C TRP A 69 13.28 35.69 6.51
N LEU A 70 12.87 35.40 7.74
CA LEU A 70 11.48 35.04 8.04
C LEU A 70 10.55 36.19 7.70
N GLN A 71 10.90 37.37 8.21
CA GLN A 71 10.18 38.62 7.94
C GLN A 71 9.90 38.80 6.45
N SER A 72 10.94 38.71 5.63
CA SER A 72 10.77 39.03 4.21
C SER A 72 9.97 37.93 3.47
N ALA A 73 10.22 36.66 3.81
CA ALA A 73 9.41 35.54 3.28
C ALA A 73 7.94 35.80 3.58
N GLY A 74 7.68 36.32 4.78
CA GLY A 74 6.34 36.69 5.24
C GLY A 74 5.62 37.82 4.55
N GLN A 75 6.34 38.91 4.25
CA GLN A 75 5.79 40.05 3.49
C GLN A 75 5.33 39.66 2.06
N LYS A 76 6.15 38.87 1.38
CA LYS A 76 5.84 38.40 0.02
C LYS A 76 4.51 37.64 0.00
N LEU A 77 4.31 36.71 0.95
CA LEU A 77 3.03 36.00 1.09
C LEU A 77 1.87 36.93 1.44
N LEU A 78 2.15 37.93 2.29
CA LEU A 78 1.15 38.90 2.70
C LEU A 78 0.71 39.79 1.54
N LYS A 79 1.68 40.22 0.72
CA LYS A 79 1.40 40.96 -0.51
C LYS A 79 0.58 40.07 -1.45
N ALA A 80 1.01 38.80 -1.62
CA ALA A 80 0.25 37.83 -2.39
C ALA A 80 -1.21 37.75 -1.91
N TYR A 81 -1.44 37.46 -0.62
CA TYR A 81 -2.81 37.44 -0.07
C TYR A 81 -3.68 38.68 -0.36
N GLN A 82 -3.04 39.84 -0.30
CA GLN A 82 -3.70 41.13 -0.47
C GLN A 82 -4.26 41.34 -1.88
N GLU A 83 -3.42 41.10 -2.90
CA GLU A 83 -3.81 41.10 -4.35
C GLU A 83 -4.84 40.04 -4.70
N LEU A 84 -4.85 38.94 -3.94
CA LEU A 84 -5.88 37.92 -4.02
C LEU A 84 -7.11 38.22 -3.12
N GLY A 85 -6.98 39.19 -2.23
CA GLY A 85 -8.07 39.46 -1.29
C GLY A 85 -8.33 38.33 -0.29
N ILE A 86 -7.29 37.50 -0.04
CA ILE A 86 -7.33 36.54 1.08
C ILE A 86 -6.97 37.23 2.40
N ASP A 87 -7.75 36.99 3.44
CA ASP A 87 -7.42 37.51 4.75
C ASP A 87 -6.47 36.50 5.45
N PRO A 88 -5.20 36.90 5.64
CA PRO A 88 -4.22 35.98 6.23
C PRO A 88 -4.64 35.52 7.64
N ARG A 89 -5.41 36.33 8.34
CA ARG A 89 -5.89 35.94 9.67
C ARG A 89 -6.89 34.77 9.64
N ALA A 90 -7.77 34.77 8.63
CA ALA A 90 -8.74 33.65 8.41
C ALA A 90 -8.02 32.45 7.83
N LYS A 91 -7.05 32.73 6.95
CA LYS A 91 -6.32 31.68 6.23
C LYS A 91 -5.31 30.88 7.06
N ILE A 92 -4.47 31.57 7.84
CA ILE A 92 -3.36 30.90 8.53
C ILE A 92 -3.23 31.32 9.99
N GLY A 93 -4.18 32.11 10.47
CA GLY A 93 -4.24 32.44 11.88
C GLY A 93 -3.44 33.64 12.36
N THR A 94 -2.55 34.19 11.51
CA THR A 94 -1.76 35.35 11.91
C THR A 94 -1.53 36.32 10.73
N ASP A 95 -1.24 37.58 10.99
CA ASP A 95 -0.69 38.46 9.94
C ASP A 95 0.68 39.01 10.28
N ASP A 96 1.33 38.43 11.27
CA ASP A 96 2.64 38.89 11.68
C ASP A 96 3.71 38.33 10.71
N PRO A 97 4.45 39.20 9.97
CA PRO A 97 5.46 38.77 8.97
C PRO A 97 6.36 37.59 9.38
N VAL A 98 7.03 37.71 10.55
CA VAL A 98 7.88 36.65 11.12
C VAL A 98 7.12 35.32 11.42
N GLU A 99 5.93 35.41 12.00
CA GLU A 99 5.10 34.22 12.25
C GLU A 99 4.68 33.57 10.93
N VAL A 100 4.42 34.39 9.93
CA VAL A 100 4.10 33.92 8.58
C VAL A 100 5.34 33.24 7.92
N GLY A 101 6.51 33.87 8.04
CA GLY A 101 7.77 33.25 7.66
C GLY A 101 8.00 31.88 8.32
N ARG A 102 7.53 31.72 9.55
CA ARG A 102 7.73 30.44 10.23
C ARG A 102 6.75 29.40 9.66
N ILE A 103 5.58 29.86 9.25
CA ILE A 103 4.59 28.97 8.64
C ILE A 103 5.06 28.52 7.25
N ILE A 104 5.53 29.46 6.44
CA ILE A 104 6.17 29.16 5.16
C ILE A 104 7.36 28.18 5.33
N LYS A 105 8.21 28.45 6.31
CA LYS A 105 9.34 27.55 6.55
C LYS A 105 8.87 26.10 6.81
N ARG A 106 7.78 25.94 7.57
CA ARG A 106 7.21 24.61 7.85
C ARG A 106 6.67 23.94 6.61
N ASN A 107 6.14 24.75 5.70
CA ASN A 107 5.63 24.27 4.43
C ASN A 107 6.79 23.92 3.49
N LEU A 108 7.83 24.75 3.51
CA LEU A 108 9.05 24.46 2.82
C LEU A 108 9.59 23.08 3.27
N VAL A 109 9.60 22.87 4.58
CA VAL A 109 10.12 21.65 5.13
C VAL A 109 9.31 20.48 4.61
N LYS A 110 7.97 20.56 4.68
CA LYS A 110 7.13 19.42 4.28
C LYS A 110 7.33 18.98 2.83
N TYR A 111 7.39 19.96 1.94
CA TYR A 111 7.61 19.73 0.52
C TYR A 111 9.01 19.14 0.21
N MSE A 112 10.07 19.61 0.86
CA MSE A 112 11.47 19.19 0.55
C MSE A 112 11.71 17.86 1.19
O MSE A 112 12.73 17.23 0.96
CB MSE A 112 12.54 20.05 1.20
CG MSE A 112 12.44 21.51 0.85
SE MSE A 112 12.83 21.78 -0.87
CE MSE A 112 14.60 22.02 -0.55
N THR A 113 10.73 17.44 1.98
CA THR A 113 10.88 16.26 2.82
C THR A 113 9.98 15.19 2.24
N SER A 114 9.21 15.55 1.23
CA SER A 114 8.17 14.66 0.70
C SER A 114 8.69 13.58 -0.27
N GLY A 115 9.97 13.62 -0.63
CA GLY A 115 10.55 12.60 -1.50
C GLY A 115 12.03 12.87 -1.71
N PRO A 116 12.69 12.05 -2.52
CA PRO A 116 14.11 12.32 -2.80
C PRO A 116 14.37 13.70 -3.45
N ASN A 117 15.40 14.39 -2.95
CA ASN A 117 16.05 15.51 -3.64
C ASN A 117 17.35 15.04 -4.26
N VAL A 118 17.91 15.90 -5.10
CA VAL A 118 19.21 15.67 -5.72
C VAL A 118 19.88 17.01 -5.52
N VAL A 119 21.04 16.98 -4.86
CA VAL A 119 21.85 18.15 -4.53
C VAL A 119 23.09 18.14 -5.42
N MSE A 120 23.43 19.30 -5.98
CA MSE A 120 24.65 19.38 -6.81
C MSE A 120 25.36 20.68 -6.52
O MSE A 120 24.78 21.68 -6.05
CB MSE A 120 24.36 19.19 -8.36
CG MSE A 120 23.50 20.29 -9.02
SE MSE A 120 23.06 19.90 -10.73
CE MSE A 120 21.91 18.66 -10.25
N VAL A 121 26.66 20.66 -6.77
CA VAL A 121 27.46 21.88 -6.68
C VAL A 121 27.95 22.15 -8.09
N LEU A 122 27.78 23.38 -8.52
CA LEU A 122 28.13 23.79 -9.87
C LEU A 122 29.20 24.86 -9.71
N LYS A 123 30.29 24.66 -10.46
CA LYS A 123 31.47 25.51 -10.47
C LYS A 123 31.63 26.17 -11.85
N GLY A 124 31.84 27.48 -11.83
CA GLY A 124 32.23 28.17 -13.03
C GLY A 124 32.23 29.64 -12.75
N ASN A 125 32.80 30.40 -13.69
CA ASN A 125 32.75 31.86 -13.62
C ASN A 125 31.36 32.41 -13.24
N ARG A 126 31.28 33.10 -12.12
CA ARG A 126 30.04 33.78 -11.63
C ARG A 126 28.83 32.86 -11.52
N ALA A 127 29.12 31.66 -11.03
CA ALA A 127 28.19 30.57 -10.96
C ALA A 127 26.88 30.92 -10.34
N VAL A 128 26.90 31.77 -9.32
CA VAL A 128 25.72 32.02 -8.51
C VAL A 128 24.70 32.79 -9.33
N GLU A 129 25.12 33.90 -9.94
CA GLU A 129 24.25 34.65 -10.82
C GLU A 129 23.81 33.82 -12.06
N ILE A 130 24.79 33.13 -12.67
CA ILE A 130 24.57 32.33 -13.89
C ILE A 130 23.39 31.36 -13.68
N VAL A 131 23.54 30.50 -12.67
CA VAL A 131 22.51 29.59 -12.17
C VAL A 131 21.21 30.29 -11.76
N ARG A 132 21.29 31.39 -11.02
CA ARG A 132 20.09 32.19 -10.83
C ARG A 132 19.45 32.68 -12.14
N LYS A 133 20.27 33.11 -13.10
CA LYS A 133 19.77 33.53 -14.41
C LYS A 133 19.09 32.36 -15.14
N LEU A 134 19.79 31.22 -15.22
CA LEU A 134 19.27 30.06 -15.93
C LEU A 134 17.95 29.51 -15.36
N VAL A 135 17.75 29.64 -14.05
CA VAL A 135 16.63 29.04 -13.34
C VAL A 135 15.37 29.85 -13.53
N GLY A 136 15.51 31.19 -13.46
CA GLY A 136 14.39 32.10 -13.63
C GLY A 136 13.75 32.54 -12.32
N PRO A 137 12.82 33.52 -12.38
CA PRO A 137 12.19 34.06 -11.17
C PRO A 137 11.38 33.04 -10.41
N THR A 138 11.04 33.42 -9.22
CA THR A 138 10.34 32.58 -8.28
C THR A 138 9.05 31.88 -8.78
N SER A 139 8.18 32.58 -9.49
CA SER A 139 6.96 31.97 -10.04
C SER A 139 7.21 31.46 -11.45
N PRO A 140 7.05 30.13 -11.66
CA PRO A 140 7.17 29.54 -12.96
C PRO A 140 6.17 30.13 -13.94
N HIS A 141 5.00 30.54 -13.45
CA HIS A 141 4.02 31.05 -14.38
C HIS A 141 4.44 32.35 -15.08
N SER A 142 5.29 33.15 -14.44
CA SER A 142 5.81 34.34 -15.10
C SER A 142 7.29 34.24 -15.38
N ALA A 143 7.85 33.06 -15.26
CA ALA A 143 9.25 32.87 -15.63
C ALA A 143 9.33 32.82 -17.16
N PRO A 144 10.24 33.61 -17.76
CA PRO A 144 10.25 33.60 -19.21
C PRO A 144 10.67 32.25 -19.80
N PRO A 145 10.19 31.94 -21.02
CA PRO A 145 10.70 30.74 -21.75
C PRO A 145 12.21 30.75 -21.99
N GLY A 146 12.86 29.62 -21.81
CA GLY A 146 14.31 29.54 -21.87
C GLY A 146 14.87 29.26 -20.50
N THR A 147 14.23 29.79 -19.46
CA THR A 147 14.65 29.55 -18.07
C THR A 147 14.10 28.23 -17.59
N ILE A 148 14.76 27.64 -16.59
CA ILE A 148 14.31 26.35 -16.09
C ILE A 148 12.84 26.42 -15.57
N ARG A 149 12.48 27.44 -14.81
CA ARG A 149 11.16 27.48 -14.21
C ARG A 149 10.08 27.78 -15.26
N GLY A 150 10.41 28.52 -16.32
CA GLY A 150 9.39 28.78 -17.36
C GLY A 150 9.17 27.58 -18.31
N ASP A 151 10.21 26.81 -18.55
CA ASP A 151 10.07 25.68 -19.45
C ASP A 151 9.48 24.45 -18.79
N TYR A 152 9.65 24.28 -17.47
CA TYR A 152 9.25 23.00 -16.82
C TYR A 152 8.15 23.04 -15.78
N SER A 153 7.49 24.17 -15.64
CA SER A 153 6.50 24.29 -14.61
C SER A 153 5.55 25.38 -14.99
N ILE A 154 4.30 25.20 -14.53
CA ILE A 154 3.19 26.13 -14.77
C ILE A 154 2.54 26.54 -13.44
N ASP A 155 3.28 26.32 -12.35
CA ASP A 155 2.81 26.65 -11.02
C ASP A 155 2.78 28.16 -10.78
N SER A 156 1.92 28.60 -9.88
CA SER A 156 1.87 30.03 -9.57
C SER A 156 1.52 30.28 -8.09
N PRO A 157 1.91 31.45 -7.56
CA PRO A 157 1.69 31.70 -6.14
C PRO A 157 0.23 31.76 -5.69
N ASP A 158 -0.70 32.10 -6.56
CA ASP A 158 -2.13 32.10 -6.18
C ASP A 158 -2.61 30.71 -5.85
N LEU A 159 -2.33 29.77 -6.74
CA LEU A 159 -2.68 28.38 -6.57
C LEU A 159 -2.03 27.87 -5.29
N ALA A 160 -0.72 28.04 -5.16
CA ALA A 160 -0.04 27.61 -3.95
C ALA A 160 -0.74 28.14 -2.67
N ALA A 161 -1.06 29.44 -2.64
CA ALA A 161 -1.81 30.03 -1.54
C ALA A 161 -3.19 29.36 -1.39
N GLU A 162 -4.00 29.38 -2.44
CA GLU A 162 -5.29 28.74 -2.34
C GLU A 162 -5.08 27.38 -1.64
N GLU A 163 -3.99 26.67 -1.95
CA GLU A 163 -3.83 25.26 -1.53
C GLU A 163 -2.96 25.04 -0.26
N GLY A 164 -2.68 26.08 0.52
CA GLY A 164 -1.91 25.96 1.77
C GLY A 164 -0.61 25.17 1.60
N ARG A 165 0.27 25.71 0.73
CA ARG A 165 1.59 25.14 0.40
C ARG A 165 2.49 26.21 -0.29
N VAL A 166 3.77 25.91 -0.44
CA VAL A 166 4.68 26.72 -1.18
C VAL A 166 4.55 26.40 -2.68
N VAL A 167 5.13 27.27 -3.49
CA VAL A 167 5.21 27.11 -4.94
C VAL A 167 6.10 25.89 -5.25
N PHE A 168 5.65 25.09 -6.19
CA PHE A 168 6.44 23.95 -6.65
C PHE A 168 7.36 24.46 -7.76
N ASN A 169 8.45 25.14 -7.39
CA ASN A 169 9.29 25.78 -8.39
C ASN A 169 10.60 25.04 -8.70
N LEU A 170 10.59 23.73 -8.51
CA LEU A 170 11.59 22.78 -9.07
C LEU A 170 12.92 22.76 -8.36
N VAL A 171 13.48 23.94 -8.06
CA VAL A 171 14.84 24.03 -7.57
C VAL A 171 15.02 25.12 -6.51
N HIS A 172 16.11 24.97 -5.76
CA HIS A 172 16.69 26.00 -4.91
C HIS A 172 18.11 26.27 -5.35
N ALA A 173 18.44 27.54 -5.55
CA ALA A 173 19.76 27.99 -5.94
C ALA A 173 20.28 28.96 -4.89
N SER A 174 21.58 28.87 -4.56
CA SER A 174 22.16 29.81 -3.63
C SER A 174 21.96 31.19 -4.22
N ASP A 175 21.63 32.14 -3.34
CA ASP A 175 21.25 33.47 -3.78
C ASP A 175 22.37 34.41 -3.58
N SER A 176 23.53 33.92 -3.15
CA SER A 176 24.77 34.75 -3.03
C SER A 176 25.95 33.84 -2.76
N PRO A 177 27.22 34.25 -3.15
CA PRO A 177 28.39 33.39 -2.83
C PRO A 177 28.48 33.07 -1.33
N SER A 178 28.18 34.06 -0.49
CA SER A 178 28.22 33.88 0.96
C SER A 178 27.33 32.70 1.36
N GLU A 179 26.09 32.79 0.94
CA GLU A 179 25.12 31.74 1.18
C GLU A 179 25.52 30.40 0.50
N ALA A 180 26.16 30.46 -0.67
CA ALA A 180 26.66 29.25 -1.33
C ALA A 180 27.75 28.53 -0.54
N GLU A 181 28.78 29.23 -0.05
CA GLU A 181 29.79 28.53 0.78
C GLU A 181 29.12 27.85 2.01
N ARG A 182 28.02 28.43 2.50
CA ARG A 182 27.32 27.80 3.63
C ARG A 182 26.46 26.59 3.24
N GLU A 183 25.64 26.74 2.20
CA GLU A 183 24.81 25.64 1.75
C GLU A 183 25.67 24.49 1.21
N ILE A 184 26.83 24.81 0.61
CA ILE A 184 27.80 23.79 0.19
C ILE A 184 28.35 22.97 1.36
N ARG A 185 28.90 23.63 2.37
CA ARG A 185 29.40 22.93 3.61
C ARG A 185 28.29 22.08 4.27
N PHE A 186 27.10 22.66 4.34
CA PHE A 186 25.95 22.00 4.95
C PHE A 186 25.69 20.59 4.42
N TRP A 187 25.73 20.41 3.10
CA TRP A 187 25.45 19.12 2.43
C TRP A 187 26.66 18.23 2.11
N PHE A 188 27.87 18.79 2.02
CA PHE A 188 29.05 18.04 1.58
C PHE A 188 30.25 18.16 2.52
N ARG A 189 30.86 17.03 2.87
CA ARG A 189 32.18 17.07 3.53
C ARG A 189 33.18 17.57 2.50
N GLU A 190 34.34 18.05 2.94
CA GLU A 190 35.41 18.46 2.03
C GLU A 190 35.70 17.45 0.91
N GLU A 191 35.71 16.17 1.29
CA GLU A 191 36.12 15.09 0.42
C GLU A 191 35.12 14.84 -0.73
N GLU A 192 33.88 15.28 -0.56
CA GLU A 192 32.86 15.11 -1.60
C GLU A 192 32.81 16.25 -2.61
N VAL A 193 33.35 17.42 -2.27
CA VAL A 193 33.39 18.56 -3.21
C VAL A 193 34.76 18.51 -3.87
N LEU A 194 34.81 17.86 -5.01
CA LEU A 194 36.09 17.44 -5.55
C LEU A 194 36.82 18.43 -6.51
N GLU A 195 38.04 18.81 -6.09
CA GLU A 195 38.89 19.75 -6.85
C GLU A 195 39.97 18.95 -7.60
N PRO B 14 -47.24 -16.84 -5.33
CA PRO B 14 -47.68 -16.88 -3.91
C PRO B 14 -46.57 -17.32 -2.90
N VAL B 15 -45.79 -16.34 -2.40
CA VAL B 15 -44.67 -16.58 -1.46
C VAL B 15 -45.20 -17.30 -0.18
N GLU B 16 -44.43 -18.26 0.35
CA GLU B 16 -44.91 -19.15 1.41
C GLU B 16 -45.09 -18.42 2.75
N LYS B 17 -46.12 -18.85 3.49
CA LYS B 17 -46.49 -18.28 4.78
C LYS B 17 -46.62 -19.39 5.81
N THR B 18 -46.39 -19.04 7.06
CA THR B 18 -46.58 -19.98 8.14
C THR B 18 -47.28 -19.32 9.36
N LEU B 19 -47.83 -20.13 10.25
CA LEU B 19 -48.55 -19.59 11.40
C LEU B 19 -47.71 -19.81 12.67
N LEU B 20 -47.61 -18.79 13.50
CA LEU B 20 -46.87 -18.87 14.75
C LEU B 20 -47.74 -18.31 15.86
N ILE B 21 -48.00 -19.10 16.90
CA ILE B 21 -48.64 -18.61 18.13
C ILE B 21 -47.63 -18.55 19.25
N LEU B 22 -47.65 -17.43 19.95
CA LEU B 22 -46.97 -17.29 21.19
C LEU B 22 -47.92 -17.68 22.32
N LYS B 23 -47.52 -18.69 23.07
CA LYS B 23 -48.35 -19.24 24.12
C LYS B 23 -48.35 -18.36 25.36
N PRO B 24 -49.31 -18.63 26.26
CA PRO B 24 -49.58 -17.70 27.36
C PRO B 24 -48.39 -17.33 28.26
N ASP B 25 -47.56 -18.30 28.59
CA ASP B 25 -46.37 -18.11 29.45
C ASP B 25 -45.44 -17.14 28.74
N ALA B 26 -45.14 -17.45 27.48
CA ALA B 26 -44.28 -16.59 26.64
C ALA B 26 -44.77 -15.16 26.48
N VAL B 27 -46.07 -14.98 26.38
CA VAL B 27 -46.65 -13.63 26.39
C VAL B 27 -46.48 -12.99 27.77
N ALA B 28 -46.66 -13.77 28.82
CA ALA B 28 -46.65 -13.20 30.19
C ALA B 28 -45.22 -12.82 30.62
N ARG B 29 -44.24 -13.52 30.09
CA ARG B 29 -42.86 -13.18 30.38
C ARG B 29 -42.33 -11.98 29.55
N GLY B 30 -43.14 -11.38 28.66
CA GLY B 30 -42.73 -10.26 27.81
C GLY B 30 -41.85 -10.58 26.61
N LEU B 31 -41.93 -11.79 26.08
CA LEU B 31 -41.08 -12.23 24.96
C LEU B 31 -41.60 -11.92 23.55
N VAL B 32 -42.72 -11.21 23.45
CA VAL B 32 -43.24 -10.84 22.16
C VAL B 32 -42.16 -10.11 21.37
N ASP B 33 -41.55 -9.09 21.95
CA ASP B 33 -40.67 -8.26 21.14
C ASP B 33 -39.45 -9.08 20.73
N GLU B 34 -39.07 -9.97 21.62
CA GLU B 34 -37.84 -10.72 21.51
C GLU B 34 -37.87 -11.84 20.48
N ILE B 35 -39.05 -12.45 20.36
CA ILE B 35 -39.34 -13.42 19.30
C ILE B 35 -39.64 -12.78 17.92
N ILE B 36 -40.41 -11.71 17.90
CA ILE B 36 -40.62 -10.97 16.66
C ILE B 36 -39.23 -10.59 16.12
N SER B 37 -38.38 -10.09 17.00
CA SER B 37 -37.07 -9.63 16.61
C SER B 37 -36.25 -10.64 15.76
N ARG B 38 -36.26 -11.93 16.15
CA ARG B 38 -35.49 -12.95 15.45
C ARG B 38 -36.06 -13.20 14.08
N PHE B 39 -37.38 -13.16 13.95
CA PHE B 39 -38.00 -13.40 12.66
C PHE B 39 -37.74 -12.21 11.77
N LYS B 40 -37.78 -11.01 12.35
CA LYS B 40 -37.44 -9.79 11.59
C LYS B 40 -36.02 -9.83 11.05
N LYS B 41 -35.03 -10.08 11.88
CA LYS B 41 -33.69 -10.16 11.38
C LYS B 41 -33.42 -11.24 10.33
N ALA B 42 -34.15 -12.34 10.34
CA ALA B 42 -33.87 -13.35 9.33
C ALA B 42 -34.40 -12.95 7.95
N GLY B 43 -35.20 -11.88 7.89
CA GLY B 43 -35.85 -11.51 6.64
C GLY B 43 -37.30 -11.96 6.50
N LEU B 44 -37.91 -12.45 7.54
CA LEU B 44 -39.35 -12.74 7.46
C LEU B 44 -40.23 -11.51 7.70
N LYS B 45 -41.38 -11.43 6.99
CA LYS B 45 -42.35 -10.37 7.24
C LYS B 45 -43.56 -10.85 8.04
N ILE B 46 -44.01 -10.03 8.99
CA ILE B 46 -45.22 -10.34 9.75
C ILE B 46 -46.37 -9.81 8.94
N VAL B 47 -47.15 -10.65 8.30
CA VAL B 47 -48.23 -10.11 7.49
C VAL B 47 -49.59 -10.16 8.23
N ALA B 48 -49.59 -10.55 9.51
CA ALA B 48 -50.79 -10.56 10.35
C ALA B 48 -50.43 -10.80 11.79
N LEU B 49 -51.06 -10.09 12.71
CA LEU B 49 -50.67 -10.08 14.12
C LEU B 49 -51.86 -9.72 14.98
N LYS B 50 -52.17 -10.53 15.99
CA LYS B 50 -53.15 -10.10 17.02
C LYS B 50 -52.95 -10.78 18.38
N MSE B 51 -53.25 -10.07 19.46
CA MSE B 51 -53.30 -10.70 20.81
C MSE B 51 -54.77 -11.23 20.95
O MSE B 51 -55.72 -10.50 20.66
CB MSE B 51 -52.89 -9.68 21.93
CG MSE B 51 -53.05 -10.20 23.35
SE MSE B 51 -52.52 -9.01 24.65
CE MSE B 51 -50.79 -9.16 24.32
N VAL B 52 -54.93 -12.50 21.37
CA VAL B 52 -56.22 -13.12 21.57
C VAL B 52 -56.34 -13.83 22.92
N LYS B 53 -57.51 -13.78 23.56
CA LYS B 53 -57.87 -14.82 24.55
C LYS B 53 -58.76 -15.84 23.87
N ALA B 54 -58.22 -17.02 23.62
CA ALA B 54 -58.95 -18.07 22.94
C ALA B 54 -59.88 -18.78 23.95
N SER B 55 -61.03 -19.27 23.49
CA SER B 55 -61.90 -20.12 24.29
C SER B 55 -61.39 -21.55 24.16
N PRO B 56 -61.75 -22.43 25.13
CA PRO B 56 -61.50 -23.88 24.93
C PRO B 56 -61.97 -24.49 23.60
N GLU B 57 -63.17 -24.16 23.14
CA GLU B 57 -63.63 -24.73 21.85
C GLU B 57 -62.75 -24.35 20.67
N GLU B 58 -62.28 -23.11 20.64
CA GLU B 58 -61.39 -22.67 19.56
C GLU B 58 -60.09 -23.50 19.55
N ILE B 59 -59.49 -23.67 20.71
CA ILE B 59 -58.25 -24.39 20.77
C ILE B 59 -58.43 -25.86 20.40
N GLU B 60 -59.58 -26.44 20.79
CA GLU B 60 -59.90 -27.83 20.46
C GLU B 60 -60.06 -28.06 19.00
N ARG B 61 -60.80 -27.16 18.36
CA ARG B 61 -60.97 -27.17 16.91
C ARG B 61 -59.72 -26.77 16.16
N PHE B 62 -58.85 -25.95 16.78
CA PHE B 62 -57.58 -25.56 16.15
C PHE B 62 -56.59 -26.70 16.02
N TYR B 63 -56.35 -27.42 17.12
CA TYR B 63 -55.45 -28.57 17.06
C TYR B 63 -56.14 -29.70 16.35
N PRO B 64 -55.43 -30.51 15.57
CA PRO B 64 -56.14 -31.56 14.80
C PRO B 64 -56.96 -32.53 15.66
N SER B 65 -57.86 -33.27 15.02
CA SER B 65 -58.59 -34.32 15.71
C SER B 65 -58.38 -35.72 15.16
N SER B 66 -57.52 -35.85 14.15
CA SER B 66 -57.24 -37.14 13.50
C SER B 66 -56.79 -38.21 14.49
N GLU B 67 -57.07 -39.48 14.18
CA GLU B 67 -56.49 -40.61 14.93
C GLU B 67 -54.96 -40.59 14.88
N GLU B 68 -54.41 -40.34 13.69
CA GLU B 68 -52.95 -40.33 13.55
C GLU B 68 -52.27 -39.27 14.41
N TRP B 69 -52.84 -38.07 14.47
CA TRP B 69 -52.30 -37.02 15.30
C TRP B 69 -52.37 -37.36 16.78
N LEU B 70 -53.52 -37.87 17.22
CA LEU B 70 -53.71 -38.25 18.62
C LEU B 70 -52.80 -39.41 18.97
N GLN B 71 -52.74 -40.39 18.07
CA GLN B 71 -51.91 -41.55 18.27
C GLN B 71 -50.48 -41.14 18.51
N SER B 72 -49.95 -40.30 17.63
CA SER B 72 -48.53 -39.95 17.66
C SER B 72 -48.19 -39.04 18.89
N ALA B 73 -49.01 -38.02 19.16
CA ALA B 73 -48.85 -37.27 20.41
C ALA B 73 -48.79 -38.22 21.63
N GLY B 74 -49.66 -39.23 21.61
CA GLY B 74 -49.77 -40.20 22.66
C GLY B 74 -48.50 -41.01 22.84
N GLN B 75 -47.91 -41.44 21.73
CA GLN B 75 -46.67 -42.23 21.78
C GLN B 75 -45.53 -41.46 22.41
N LYS B 76 -45.42 -40.17 22.12
CA LYS B 76 -44.37 -39.35 22.73
C LYS B 76 -44.48 -39.31 24.25
N LEU B 77 -45.69 -39.20 24.79
CA LEU B 77 -45.82 -39.20 26.27
C LEU B 77 -45.56 -40.58 26.89
N LEU B 78 -45.94 -41.64 26.17
CA LEU B 78 -45.72 -43.00 26.62
C LEU B 78 -44.25 -43.38 26.56
N LYS B 79 -43.57 -42.94 25.50
CA LYS B 79 -42.12 -43.01 25.41
C LYS B 79 -41.58 -42.24 26.62
N ALA B 80 -41.84 -40.94 26.67
CA ALA B 80 -41.45 -40.12 27.81
C ALA B 80 -41.62 -40.83 29.14
N TYR B 81 -42.76 -41.48 29.37
CA TYR B 81 -43.07 -42.15 30.67
C TYR B 81 -42.18 -43.36 31.01
N GLN B 82 -41.74 -44.11 29.99
CA GLN B 82 -40.80 -45.24 30.15
C GLN B 82 -39.51 -44.81 30.85
N GLU B 83 -38.86 -43.79 30.28
CA GLU B 83 -37.59 -43.22 30.78
C GLU B 83 -37.62 -42.64 32.19
N LEU B 84 -38.79 -42.31 32.70
CA LEU B 84 -38.84 -41.82 34.08
C LEU B 84 -39.45 -42.87 35.07
N GLY B 85 -39.86 -44.01 34.54
CA GLY B 85 -40.49 -45.02 35.36
C GLY B 85 -41.90 -44.69 35.83
N ILE B 86 -42.61 -43.80 35.10
CA ILE B 86 -43.97 -43.46 35.53
C ILE B 86 -44.99 -44.35 34.82
N ASP B 87 -45.72 -45.10 35.62
CA ASP B 87 -46.76 -45.98 35.09
C ASP B 87 -47.92 -45.08 34.61
N PRO B 88 -48.20 -45.05 33.28
CA PRO B 88 -49.23 -44.16 32.71
C PRO B 88 -50.61 -44.35 33.31
N ARG B 89 -50.86 -45.54 33.77
CA ARG B 89 -52.17 -45.89 34.36
C ARG B 89 -52.30 -45.40 35.78
N ALA B 90 -51.23 -45.27 36.42
CA ALA B 90 -51.29 -44.81 37.75
C ALA B 90 -51.41 -43.29 37.74
N LYS B 91 -50.77 -42.69 36.75
CA LYS B 91 -50.71 -41.24 36.61
C LYS B 91 -51.95 -40.60 35.87
N ILE B 92 -52.42 -41.21 34.78
CA ILE B 92 -53.57 -40.64 34.00
C ILE B 92 -54.64 -41.70 33.67
N GLY B 93 -54.59 -42.92 34.09
CA GLY B 93 -55.61 -43.96 33.97
C GLY B 93 -55.71 -44.66 32.64
N THR B 94 -54.66 -44.58 31.84
CA THR B 94 -54.67 -45.20 30.54
C THR B 94 -53.26 -45.28 29.90
N ASP B 95 -53.12 -46.22 28.97
CA ASP B 95 -51.92 -46.35 28.12
C ASP B 95 -52.27 -46.59 26.66
N ASP B 96 -53.54 -46.40 26.30
CA ASP B 96 -53.94 -46.46 24.90
C ASP B 96 -53.46 -45.16 24.21
N PRO B 97 -52.54 -45.27 23.21
CA PRO B 97 -51.92 -44.10 22.54
C PRO B 97 -52.91 -43.01 22.13
N VAL B 98 -54.06 -43.41 21.57
CA VAL B 98 -55.13 -42.47 21.22
C VAL B 98 -55.76 -41.80 22.45
N GLU B 99 -56.11 -42.56 23.48
CA GLU B 99 -56.67 -41.99 24.73
C GLU B 99 -55.68 -41.04 25.44
N VAL B 100 -54.39 -41.36 25.36
CA VAL B 100 -53.39 -40.45 25.88
C VAL B 100 -53.39 -39.20 24.99
N GLY B 101 -53.40 -39.37 23.66
CA GLY B 101 -53.58 -38.27 22.75
C GLY B 101 -54.64 -37.29 23.21
N ARG B 102 -55.84 -37.80 23.51
CA ARG B 102 -56.94 -36.96 23.92
C ARG B 102 -56.68 -36.25 25.26
N ILE B 103 -55.88 -36.85 26.12
CA ILE B 103 -55.58 -36.22 27.39
C ILE B 103 -54.59 -35.10 27.17
N ILE B 104 -53.57 -35.32 26.36
CA ILE B 104 -52.64 -34.26 26.03
C ILE B 104 -53.38 -33.07 25.43
N LYS B 105 -54.40 -33.38 24.63
CA LYS B 105 -55.15 -32.31 23.96
C LYS B 105 -55.95 -31.48 24.96
N ARG B 106 -56.50 -32.15 25.97
CA ARG B 106 -57.20 -31.50 27.11
C ARG B 106 -56.20 -30.54 27.80
N ASN B 107 -54.98 -31.00 28.00
CA ASN B 107 -53.98 -30.21 28.74
C ASN B 107 -53.41 -29.04 27.96
N LEU B 108 -53.18 -29.26 26.67
CA LEU B 108 -52.95 -28.23 25.68
C LEU B 108 -54.04 -27.16 25.71
N VAL B 109 -55.30 -27.56 25.75
CA VAL B 109 -56.38 -26.62 25.71
C VAL B 109 -56.37 -25.74 26.94
N LYS B 110 -56.16 -26.34 28.13
CA LYS B 110 -56.18 -25.55 29.40
C LYS B 110 -55.11 -24.49 29.38
N TYR B 111 -53.94 -24.84 28.85
CA TYR B 111 -52.78 -23.98 28.83
C TYR B 111 -52.84 -22.88 27.75
N MSE B 112 -53.37 -23.18 26.57
CA MSE B 112 -53.56 -22.17 25.50
C MSE B 112 -54.70 -21.19 25.94
O MSE B 112 -54.89 -20.14 25.36
CB MSE B 112 -53.94 -22.83 24.16
CG MSE B 112 -52.97 -23.91 23.65
SE MSE B 112 -51.33 -23.26 23.28
CE MSE B 112 -51.79 -22.38 21.76
N THR B 113 -55.41 -21.55 26.99
CA THR B 113 -56.67 -20.92 27.38
C THR B 113 -56.52 -20.07 28.67
N SER B 114 -55.35 -20.16 29.28
CA SER B 114 -55.12 -19.63 30.60
C SER B 114 -54.42 -18.24 30.65
N GLY B 115 -54.40 -17.52 29.52
CA GLY B 115 -53.80 -16.17 29.43
C GLY B 115 -53.87 -15.84 27.95
N PRO B 116 -53.63 -14.60 27.57
CA PRO B 116 -53.68 -14.30 26.13
C PRO B 116 -52.54 -14.94 25.34
N ASN B 117 -52.81 -15.28 24.07
CA ASN B 117 -51.82 -15.67 23.10
C ASN B 117 -51.59 -14.49 22.17
N VAL B 118 -50.52 -14.57 21.40
CA VAL B 118 -50.32 -13.66 20.29
C VAL B 118 -50.16 -14.56 19.07
N VAL B 119 -50.96 -14.30 18.03
CA VAL B 119 -50.96 -15.11 16.81
C VAL B 119 -50.35 -14.25 15.69
N MSE B 120 -49.39 -14.79 14.94
CA MSE B 120 -48.78 -14.01 13.84
C MSE B 120 -48.59 -14.89 12.60
O MSE B 120 -48.38 -16.12 12.70
CB MSE B 120 -47.44 -13.38 14.33
CG MSE B 120 -46.20 -14.23 14.31
SE MSE B 120 -44.78 -13.35 15.04
CE MSE B 120 -45.48 -13.22 16.66
N VAL B 121 -48.64 -14.26 11.42
CA VAL B 121 -48.37 -14.99 10.20
C VAL B 121 -47.06 -14.46 9.65
N LEU B 122 -46.13 -15.37 9.40
CA LEU B 122 -44.83 -15.05 8.86
C LEU B 122 -44.77 -15.48 7.40
N LYS B 123 -44.30 -14.55 6.57
CA LYS B 123 -44.17 -14.78 5.14
C LYS B 123 -42.70 -14.59 4.69
N GLY B 124 -42.23 -15.51 3.88
CA GLY B 124 -40.94 -15.43 3.26
C GLY B 124 -40.59 -16.79 2.64
N ASN B 125 -39.53 -16.79 1.82
CA ASN B 125 -39.00 -18.02 1.27
C ASN B 125 -38.93 -19.13 2.32
N ARG B 126 -39.52 -20.28 2.02
CA ARG B 126 -39.54 -21.48 2.90
C ARG B 126 -39.86 -21.31 4.38
N ALA B 127 -40.82 -20.44 4.66
CA ALA B 127 -41.11 -20.07 6.04
C ALA B 127 -41.41 -21.22 7.00
N VAL B 128 -42.11 -22.24 6.52
CA VAL B 128 -42.59 -23.26 7.42
C VAL B 128 -41.34 -23.86 8.03
N GLU B 129 -40.42 -24.29 7.17
CA GLU B 129 -39.19 -24.99 7.54
C GLU B 129 -38.23 -24.02 8.29
N ILE B 130 -38.26 -22.76 7.88
CA ILE B 130 -37.39 -21.75 8.48
C ILE B 130 -37.78 -21.41 9.94
N VAL B 131 -39.06 -21.10 10.15
CA VAL B 131 -39.62 -20.89 11.50
C VAL B 131 -39.42 -22.11 12.43
N ARG B 132 -39.57 -23.32 11.89
CA ARG B 132 -39.34 -24.51 12.68
C ARG B 132 -37.91 -24.52 13.14
N LYS B 133 -36.99 -24.27 12.21
CA LYS B 133 -35.55 -24.24 12.52
C LYS B 133 -35.18 -23.19 13.61
N LEU B 134 -35.65 -21.94 13.42
CA LEU B 134 -35.45 -20.92 14.44
C LEU B 134 -36.04 -21.31 15.81
N VAL B 135 -37.21 -21.96 15.80
CA VAL B 135 -37.89 -22.28 17.03
C VAL B 135 -37.10 -23.32 17.80
N GLY B 136 -36.58 -24.33 17.09
CA GLY B 136 -35.83 -25.42 17.74
C GLY B 136 -36.79 -26.51 18.14
N PRO B 137 -36.27 -27.68 18.59
CA PRO B 137 -37.10 -28.87 18.93
C PRO B 137 -37.97 -28.67 20.16
N THR B 138 -38.86 -29.63 20.35
CA THR B 138 -39.99 -29.60 21.28
C THR B 138 -39.71 -29.45 22.77
N SER B 139 -38.63 -30.03 23.28
CA SER B 139 -38.27 -29.69 24.65
C SER B 139 -37.13 -28.69 24.66
N PRO B 140 -37.35 -27.54 25.32
CA PRO B 140 -36.39 -26.49 25.41
C PRO B 140 -35.11 -26.98 26.06
N HIS B 141 -35.20 -27.82 27.11
CA HIS B 141 -33.98 -28.31 27.79
C HIS B 141 -32.95 -28.90 26.86
N SER B 142 -33.38 -29.63 25.83
CA SER B 142 -32.43 -30.14 24.80
C SER B 142 -32.37 -29.31 23.53
N ALA B 143 -33.03 -28.18 23.50
CA ALA B 143 -32.97 -27.35 22.31
C ALA B 143 -31.63 -26.62 22.29
N PRO B 144 -30.93 -26.70 21.16
CA PRO B 144 -29.65 -26.04 21.09
C PRO B 144 -29.77 -24.53 21.32
N PRO B 145 -28.74 -23.92 21.92
CA PRO B 145 -28.64 -22.45 22.02
C PRO B 145 -28.56 -21.78 20.66
N GLY B 146 -29.29 -20.67 20.52
CA GLY B 146 -29.42 -20.05 19.23
C GLY B 146 -30.85 -20.21 18.79
N THR B 147 -31.50 -21.30 19.22
CA THR B 147 -32.91 -21.45 18.92
C THR B 147 -33.74 -20.70 19.94
N ILE B 148 -34.98 -20.38 19.58
CA ILE B 148 -35.89 -19.68 20.50
C ILE B 148 -36.17 -20.52 21.76
N ARG B 149 -36.42 -21.81 21.54
CA ARG B 149 -36.74 -22.70 22.67
C ARG B 149 -35.49 -22.94 23.53
N GLY B 150 -34.32 -22.99 22.90
CA GLY B 150 -33.10 -23.16 23.67
C GLY B 150 -32.67 -21.91 24.44
N ASP B 151 -33.00 -20.72 23.94
CA ASP B 151 -32.50 -19.51 24.60
C ASP B 151 -33.44 -18.94 25.64
N TYR B 152 -34.74 -19.33 25.57
CA TYR B 152 -35.80 -18.71 26.36
C TYR B 152 -36.61 -19.61 27.28
N SER B 153 -36.18 -20.86 27.43
CA SER B 153 -36.87 -21.82 28.26
C SER B 153 -35.97 -22.95 28.70
N ILE B 154 -36.30 -23.52 29.85
CA ILE B 154 -35.56 -24.63 30.43
C ILE B 154 -36.57 -25.70 30.85
N ASP B 155 -37.80 -25.63 30.34
CA ASP B 155 -38.77 -26.68 30.61
C ASP B 155 -38.37 -28.04 29.94
N SER B 156 -38.87 -29.14 30.48
CA SER B 156 -38.51 -30.47 29.95
C SER B 156 -39.66 -31.44 30.11
N PRO B 157 -39.74 -32.48 29.25
CA PRO B 157 -40.88 -33.35 29.27
C PRO B 157 -41.03 -34.20 30.53
N ASP B 158 -39.96 -34.47 31.28
CA ASP B 158 -40.12 -35.07 32.66
C ASP B 158 -40.77 -34.19 33.74
N LEU B 159 -40.37 -32.93 33.86
CA LEU B 159 -41.05 -32.02 34.80
C LEU B 159 -42.52 -31.91 34.40
N ALA B 160 -42.79 -31.71 33.12
CA ALA B 160 -44.16 -31.58 32.60
C ALA B 160 -45.01 -32.79 33.00
N ALA B 161 -44.46 -33.98 32.75
CA ALA B 161 -45.06 -35.25 33.16
C ALA B 161 -45.40 -35.26 34.64
N GLU B 162 -44.43 -34.93 35.48
CA GLU B 162 -44.63 -35.05 36.92
C GLU B 162 -45.59 -34.00 37.44
N GLU B 163 -45.90 -32.98 36.65
CA GLU B 163 -46.76 -31.89 37.15
C GLU B 163 -48.12 -31.90 36.46
N GLY B 164 -48.38 -32.92 35.66
CA GLY B 164 -49.70 -33.05 34.93
C GLY B 164 -50.04 -31.88 33.98
N ARG B 165 -49.12 -31.58 33.06
CA ARG B 165 -49.27 -30.55 32.04
C ARG B 165 -48.48 -30.86 30.75
N VAL B 166 -48.71 -30.06 29.73
CA VAL B 166 -47.85 -30.09 28.53
C VAL B 166 -46.57 -29.28 28.85
N VAL B 167 -45.60 -29.37 27.95
CA VAL B 167 -44.39 -28.60 28.06
C VAL B 167 -44.72 -27.15 27.67
N PHE B 168 -44.18 -26.23 28.48
CA PHE B 168 -44.13 -24.79 28.21
C PHE B 168 -42.98 -24.49 27.22
N ASN B 169 -43.22 -24.82 25.96
CA ASN B 169 -42.19 -24.64 24.97
C ASN B 169 -42.44 -23.40 24.11
N LEU B 170 -43.15 -22.44 24.68
CA LEU B 170 -43.22 -21.05 24.19
C LEU B 170 -44.10 -20.78 22.97
N VAL B 171 -44.11 -21.72 22.00
CA VAL B 171 -44.76 -21.49 20.70
C VAL B 171 -45.28 -22.74 20.01
N HIS B 172 -46.14 -22.48 19.02
CA HIS B 172 -46.60 -23.44 18.03
C HIS B 172 -46.27 -22.87 16.66
N ALA B 173 -45.51 -23.59 15.86
CA ALA B 173 -45.28 -23.26 14.43
C ALA B 173 -45.91 -24.35 13.55
N SER B 174 -46.65 -23.94 12.51
CA SER B 174 -47.23 -24.95 11.59
C SER B 174 -46.14 -25.94 11.16
N ASP B 175 -46.52 -27.22 11.04
CA ASP B 175 -45.49 -28.21 10.81
C ASP B 175 -45.35 -28.52 9.35
N SER B 176 -46.25 -28.01 8.52
CA SER B 176 -46.16 -28.21 7.06
C SER B 176 -46.90 -27.11 6.26
N PRO B 177 -46.58 -26.95 4.93
CA PRO B 177 -47.32 -25.93 4.11
C PRO B 177 -48.84 -26.13 4.13
N SER B 178 -49.32 -27.38 4.12
CA SER B 178 -50.75 -27.65 4.18
C SER B 178 -51.36 -27.34 5.56
N GLU B 179 -50.68 -27.70 6.65
CA GLU B 179 -51.19 -27.21 7.95
C GLU B 179 -51.24 -25.67 8.05
N ALA B 180 -50.24 -24.99 7.48
CA ALA B 180 -50.17 -23.54 7.59
C ALA B 180 -51.37 -22.90 6.92
N GLU B 181 -51.73 -23.37 5.71
CA GLU B 181 -52.90 -22.84 5.00
C GLU B 181 -54.12 -22.95 5.90
N ARG B 182 -54.28 -24.11 6.53
CA ARG B 182 -55.43 -24.37 7.39
C ARG B 182 -55.43 -23.50 8.67
N GLU B 183 -54.26 -23.33 9.27
CA GLU B 183 -54.13 -22.71 10.57
C GLU B 183 -54.24 -21.20 10.43
N ILE B 184 -53.70 -20.68 9.32
CA ILE B 184 -53.99 -19.30 8.92
C ILE B 184 -55.49 -18.97 8.78
N ARG B 185 -56.23 -19.77 7.99
CA ARG B 185 -57.69 -19.53 7.73
C ARG B 185 -58.42 -19.54 9.04
N PHE B 186 -58.02 -20.48 9.88
CA PHE B 186 -58.60 -20.61 11.19
C PHE B 186 -58.60 -19.32 11.98
N TRP B 187 -57.42 -18.72 12.10
CA TRP B 187 -57.21 -17.55 12.94
C TRP B 187 -57.56 -16.21 12.28
N PHE B 188 -57.44 -16.11 10.96
CA PHE B 188 -57.58 -14.84 10.22
C PHE B 188 -58.59 -14.90 9.05
N ARG B 189 -59.41 -13.86 8.91
CA ARG B 189 -60.20 -13.69 7.70
C ARG B 189 -59.25 -13.10 6.67
N GLU B 190 -59.49 -13.27 5.36
CA GLU B 190 -58.55 -12.76 4.34
C GLU B 190 -58.23 -11.26 4.41
N GLU B 191 -59.12 -10.51 5.04
CA GLU B 191 -58.97 -9.07 5.25
C GLU B 191 -57.88 -8.73 6.30
N GLU B 192 -57.50 -9.72 7.11
CA GLU B 192 -56.50 -9.54 8.19
C GLU B 192 -55.08 -9.90 7.73
N VAL B 193 -54.96 -10.82 6.77
CA VAL B 193 -53.66 -11.26 6.27
C VAL B 193 -53.21 -10.34 5.14
N LEU B 194 -52.47 -9.28 5.52
CA LEU B 194 -52.11 -8.16 4.61
C LEU B 194 -51.12 -8.45 3.46
N GLU B 195 -51.59 -8.31 2.21
CA GLU B 195 -50.80 -8.56 1.00
C GLU B 195 -49.73 -7.51 0.75
N PRO C 14 9.34 -8.12 -5.01
CA PRO C 14 10.39 -7.09 -4.59
C PRO C 14 11.25 -6.66 -5.79
N VAL C 15 10.77 -5.62 -6.50
CA VAL C 15 11.32 -5.19 -7.84
C VAL C 15 12.88 -5.15 -7.89
N GLU C 16 13.46 -5.63 -9.00
CA GLU C 16 14.90 -5.84 -9.23
C GLU C 16 15.68 -4.51 -9.39
N LYS C 17 16.93 -4.51 -8.96
CA LYS C 17 17.75 -3.33 -8.94
C LYS C 17 19.09 -3.74 -9.49
N THR C 18 19.78 -2.78 -10.09
CA THR C 18 21.11 -3.02 -10.60
C THR C 18 21.93 -1.77 -10.35
N LEU C 19 23.23 -1.95 -10.28
CA LEU C 19 24.11 -0.84 -10.03
C LEU C 19 24.82 -0.48 -11.30
N LEU C 20 24.92 0.82 -11.60
CA LEU C 20 25.64 1.29 -12.75
C LEU C 20 26.67 2.37 -12.38
N ILE C 21 27.86 2.33 -12.98
CA ILE C 21 28.85 3.37 -12.68
C ILE C 21 29.26 4.02 -13.95
N LEU C 22 29.20 5.36 -13.98
CA LEU C 22 29.83 6.15 -15.00
C LEU C 22 31.29 6.40 -14.57
N LYS C 23 32.19 5.80 -15.34
CA LYS C 23 33.64 5.89 -15.18
C LYS C 23 34.13 7.27 -15.53
N PRO C 24 35.36 7.58 -15.11
CA PRO C 24 35.88 8.94 -15.19
C PRO C 24 35.90 9.59 -16.61
N ASP C 25 36.12 8.84 -17.69
CA ASP C 25 36.12 9.51 -19.04
C ASP C 25 34.69 9.98 -19.28
N ALA C 26 33.77 9.05 -19.11
CA ALA C 26 32.33 9.31 -19.19
C ALA C 26 31.84 10.54 -18.42
N VAL C 27 32.17 10.68 -17.15
CA VAL C 27 31.83 11.88 -16.39
C VAL C 27 32.55 13.11 -16.95
N ALA C 28 33.85 13.00 -17.16
CA ALA C 28 34.65 14.16 -17.69
C ALA C 28 34.14 14.67 -19.06
N ARG C 29 33.62 13.79 -19.88
CA ARG C 29 33.07 14.17 -21.16
C ARG C 29 31.63 14.72 -21.13
N GLY C 30 31.01 14.82 -19.94
CA GLY C 30 29.66 15.33 -19.80
C GLY C 30 28.53 14.35 -20.13
N LEU C 31 28.77 13.06 -19.98
CA LEU C 31 27.81 12.08 -20.42
C LEU C 31 26.81 11.66 -19.36
N VAL C 32 26.94 12.20 -18.18
CA VAL C 32 26.02 11.83 -17.13
C VAL C 32 24.56 12.04 -17.55
N ASP C 33 24.21 13.21 -18.04
CA ASP C 33 22.81 13.46 -18.31
C ASP C 33 22.33 12.65 -19.54
N GLU C 34 23.20 12.48 -20.53
CA GLU C 34 22.85 11.73 -21.75
C GLU C 34 22.58 10.28 -21.43
N ILE C 35 23.41 9.72 -20.55
CA ILE C 35 23.18 8.37 -20.05
C ILE C 35 22.00 8.25 -19.10
N ILE C 36 21.78 9.22 -18.23
CA ILE C 36 20.61 9.13 -17.38
C ILE C 36 19.35 9.16 -18.24
N SER C 37 19.36 9.96 -19.31
CA SER C 37 18.15 10.15 -20.13
C SER C 37 17.71 8.81 -20.77
N ARG C 38 18.68 7.98 -21.12
CA ARG C 38 18.35 6.70 -21.70
C ARG C 38 17.66 5.76 -20.74
N PHE C 39 18.09 5.71 -19.49
CA PHE C 39 17.42 4.82 -18.50
C PHE C 39 16.02 5.28 -18.15
N LYS C 40 15.89 6.58 -17.94
CA LYS C 40 14.62 7.23 -17.70
C LYS C 40 13.60 6.93 -18.79
N LYS C 41 14.00 7.08 -20.04
CA LYS C 41 13.08 6.92 -21.12
C LYS C 41 12.62 5.48 -21.18
N ALA C 42 13.44 4.57 -20.69
CA ALA C 42 13.11 3.16 -20.79
C ALA C 42 12.09 2.77 -19.74
N GLY C 43 11.97 3.61 -18.71
CA GLY C 43 11.10 3.26 -17.58
C GLY C 43 11.79 2.84 -16.28
N LEU C 44 13.10 3.07 -16.16
CA LEU C 44 13.80 2.75 -14.91
C LEU C 44 13.86 3.95 -13.95
N LYS C 45 13.69 3.71 -12.65
CA LYS C 45 13.85 4.80 -11.71
C LYS C 45 15.28 4.79 -11.22
N ILE C 46 15.93 5.94 -11.14
CA ILE C 46 17.16 6.05 -10.34
C ILE C 46 16.75 6.09 -8.86
N VAL C 47 17.12 5.08 -8.08
CA VAL C 47 16.80 5.10 -6.66
C VAL C 47 17.99 5.42 -5.73
N ALA C 48 19.21 5.55 -6.30
CA ALA C 48 20.36 6.13 -5.57
C ALA C 48 21.33 6.72 -6.54
N LEU C 49 22.01 7.77 -6.14
CA LEU C 49 22.88 8.48 -7.06
C LEU C 49 23.92 9.27 -6.31
N LYS C 50 25.18 9.17 -6.71
CA LYS C 50 26.21 10.07 -6.15
C LYS C 50 27.50 10.15 -6.96
N MSE C 51 28.08 11.35 -7.09
CA MSE C 51 29.46 11.53 -7.58
C MSE C 51 30.47 11.25 -6.41
O MSE C 51 30.30 11.74 -5.28
CB MSE C 51 29.68 12.97 -8.13
CG MSE C 51 30.92 13.15 -9.03
SE MSE C 51 31.04 14.89 -9.61
CE MSE C 51 31.09 15.23 -7.93
N VAL C 52 31.52 10.47 -6.71
CA VAL C 52 32.55 10.07 -5.73
C VAL C 52 33.94 10.02 -6.35
N LYS C 53 34.98 10.35 -5.55
CA LYS C 53 36.39 9.94 -5.82
C LYS C 53 36.64 8.67 -5.03
N ALA C 54 36.76 7.52 -5.69
CA ALA C 54 37.12 6.27 -5.01
C ALA C 54 38.62 6.18 -4.76
N SER C 55 39.02 5.69 -3.60
CA SER C 55 40.44 5.38 -3.34
C SER C 55 40.74 4.05 -4.06
N PRO C 56 42.00 3.84 -4.49
CA PRO C 56 42.37 2.48 -4.97
C PRO C 56 41.89 1.31 -4.09
N GLU C 57 41.99 1.42 -2.77
CA GLU C 57 41.45 0.40 -1.88
C GLU C 57 39.99 0.02 -2.18
N GLU C 58 39.11 1.01 -2.23
CA GLU C 58 37.71 0.76 -2.56
C GLU C 58 37.57 0.01 -3.88
N ILE C 59 38.31 0.42 -4.90
CA ILE C 59 38.11 -0.20 -6.21
C ILE C 59 38.56 -1.67 -6.23
N GLU C 60 39.63 -1.94 -5.48
CA GLU C 60 40.18 -3.26 -5.23
C GLU C 60 39.17 -4.22 -4.59
N ARG C 61 38.45 -3.75 -3.59
CA ARG C 61 37.46 -4.62 -2.97
C ARG C 61 36.15 -4.69 -3.77
N PHE C 62 35.87 -3.66 -4.56
CA PHE C 62 34.67 -3.64 -5.40
C PHE C 62 34.64 -4.75 -6.46
N TYR C 63 35.72 -4.79 -7.23
CA TYR C 63 35.92 -5.87 -8.22
C TYR C 63 36.23 -7.17 -7.54
N PRO C 64 35.76 -8.30 -8.09
CA PRO C 64 36.00 -9.59 -7.40
C PRO C 64 37.48 -9.95 -7.32
N SER C 65 37.80 -10.97 -6.54
CA SER C 65 39.19 -11.40 -6.38
C SER C 65 39.23 -12.87 -6.47
N SER C 66 38.12 -13.46 -6.91
CA SER C 66 38.07 -14.90 -7.13
C SER C 66 39.13 -15.29 -8.18
N GLU C 67 39.62 -16.52 -8.11
CA GLU C 67 40.51 -16.99 -9.14
C GLU C 67 39.75 -17.10 -10.44
N GLU C 68 38.50 -17.57 -10.35
CA GLU C 68 37.67 -17.76 -11.55
C GLU C 68 37.56 -16.46 -12.37
N TRP C 69 37.28 -15.34 -11.71
CA TRP C 69 37.21 -14.05 -12.37
C TRP C 69 38.55 -13.59 -12.94
N LEU C 70 39.64 -13.69 -12.14
CA LEU C 70 40.94 -13.22 -12.60
C LEU C 70 41.32 -14.00 -13.83
N GLN C 71 41.27 -15.33 -13.70
CA GLN C 71 41.45 -16.26 -14.79
C GLN C 71 40.61 -15.94 -16.04
N SER C 72 39.30 -15.78 -15.90
CA SER C 72 38.48 -15.51 -17.09
C SER C 72 38.77 -14.11 -17.73
N ALA C 73 38.97 -13.06 -16.93
CA ALA C 73 39.52 -11.82 -17.52
C ALA C 73 40.89 -11.99 -18.20
N GLY C 74 41.72 -12.92 -17.70
CA GLY C 74 43.06 -13.16 -18.24
C GLY C 74 43.08 -13.73 -19.66
N GLN C 75 42.30 -14.78 -19.88
CA GLN C 75 42.12 -15.38 -21.20
C GLN C 75 41.62 -14.42 -22.28
N LYS C 76 40.61 -13.61 -21.96
CA LYS C 76 40.13 -12.61 -22.91
C LYS C 76 41.31 -11.85 -23.53
N LEU C 77 42.24 -11.40 -22.69
CA LEU C 77 43.41 -10.60 -23.12
C LEU C 77 44.51 -11.42 -23.79
N LEU C 78 44.66 -12.69 -23.37
CA LEU C 78 45.58 -13.61 -24.03
C LEU C 78 45.10 -13.89 -25.43
N LYS C 79 43.81 -14.21 -25.58
CA LYS C 79 43.15 -14.35 -26.88
C LYS C 79 43.39 -13.11 -27.76
N ALA C 80 43.15 -11.93 -27.19
CA ALA C 80 43.45 -10.65 -27.85
C ALA C 80 44.91 -10.58 -28.33
N TYR C 81 45.85 -10.78 -27.41
CA TYR C 81 47.28 -10.68 -27.76
C TYR C 81 47.74 -11.56 -28.93
N GLN C 82 47.16 -12.76 -29.08
CA GLN C 82 47.42 -13.62 -30.26
C GLN C 82 47.06 -12.95 -31.59
N GLU C 83 45.78 -12.54 -31.73
CA GLU C 83 45.24 -11.80 -32.90
C GLU C 83 46.02 -10.55 -33.35
N LEU C 84 46.51 -9.74 -32.41
CA LEU C 84 47.41 -8.64 -32.77
C LEU C 84 48.91 -9.06 -32.88
N GLY C 85 49.18 -10.35 -32.64
CA GLY C 85 50.55 -10.90 -32.62
C GLY C 85 51.45 -10.30 -31.54
N ILE C 86 50.86 -9.97 -30.40
CA ILE C 86 51.60 -9.43 -29.25
C ILE C 86 52.01 -10.58 -28.35
N ASP C 87 53.31 -10.71 -28.11
CA ASP C 87 53.80 -11.67 -27.12
C ASP C 87 53.56 -11.11 -25.71
N PRO C 88 52.67 -11.74 -24.92
CA PRO C 88 52.31 -11.21 -23.60
C PRO C 88 53.50 -11.17 -22.65
N ARG C 89 54.42 -12.13 -22.77
CA ARG C 89 55.66 -12.13 -21.98
C ARG C 89 56.54 -10.91 -22.16
N ALA C 90 56.62 -10.44 -23.40
CA ALA C 90 57.33 -9.21 -23.79
C ALA C 90 56.53 -7.95 -23.43
N LYS C 91 55.20 -8.04 -23.54
CA LYS C 91 54.30 -6.93 -23.23
C LYS C 91 54.09 -6.63 -21.75
N ILE C 92 53.87 -7.67 -20.93
CA ILE C 92 53.54 -7.54 -19.49
C ILE C 92 54.27 -8.53 -18.53
N GLY C 93 55.14 -9.36 -19.08
CA GLY C 93 56.07 -10.15 -18.31
C GLY C 93 55.59 -11.52 -17.90
N THR C 94 54.36 -11.86 -18.27
CA THR C 94 53.80 -13.16 -17.95
C THR C 94 52.78 -13.56 -19.00
N ASP C 95 52.60 -14.86 -19.17
CA ASP C 95 51.50 -15.42 -19.96
C ASP C 95 50.51 -16.18 -19.07
N ASP C 96 50.72 -16.14 -17.76
CA ASP C 96 49.81 -16.83 -16.88
C ASP C 96 48.47 -16.12 -16.74
N PRO C 97 47.35 -16.81 -17.07
CA PRO C 97 45.97 -16.25 -17.04
C PRO C 97 45.54 -15.54 -15.71
N VAL C 98 45.63 -16.21 -14.56
CA VAL C 98 45.44 -15.53 -13.27
C VAL C 98 46.37 -14.32 -13.05
N GLU C 99 47.68 -14.45 -13.32
CA GLU C 99 48.59 -13.27 -13.17
C GLU C 99 48.21 -12.10 -14.09
N VAL C 100 47.77 -12.43 -15.31
CA VAL C 100 47.34 -11.44 -16.28
C VAL C 100 46.03 -10.80 -15.81
N GLY C 101 45.16 -11.59 -15.20
CA GLY C 101 43.99 -11.06 -14.54
C GLY C 101 44.32 -10.01 -13.49
N ARG C 102 45.35 -10.27 -12.68
CA ARG C 102 45.77 -9.34 -11.61
C ARG C 102 46.34 -8.03 -12.17
N ILE C 103 46.93 -8.13 -13.35
CA ILE C 103 47.40 -6.99 -14.09
C ILE C 103 46.20 -6.20 -14.67
N ILE C 104 45.22 -6.88 -15.27
CA ILE C 104 44.01 -6.19 -15.69
C ILE C 104 43.35 -5.49 -14.51
N LYS C 105 43.17 -6.20 -13.39
CA LYS C 105 42.48 -5.59 -12.25
C LYS C 105 43.22 -4.32 -11.78
N ARG C 106 44.54 -4.39 -11.78
CA ARG C 106 45.33 -3.26 -11.44
C ARG C 106 45.12 -2.12 -12.45
N ASN C 107 44.90 -2.46 -13.72
CA ASN C 107 44.70 -1.43 -14.74
C ASN C 107 43.32 -0.75 -14.54
N LEU C 108 42.33 -1.59 -14.29
CA LEU C 108 40.99 -1.19 -13.91
C LEU C 108 41.06 -0.20 -12.74
N VAL C 109 41.89 -0.53 -11.74
CA VAL C 109 41.98 0.29 -10.55
C VAL C 109 42.54 1.68 -10.89
N LYS C 110 43.48 1.79 -11.83
CA LYS C 110 44.06 3.10 -12.15
C LYS C 110 43.00 3.98 -12.78
N TYR C 111 42.30 3.39 -13.74
CA TYR C 111 41.35 4.08 -14.57
C TYR C 111 40.17 4.58 -13.77
N MSE C 112 39.61 3.72 -12.91
CA MSE C 112 38.43 4.09 -12.10
C MSE C 112 38.85 5.02 -10.98
O MSE C 112 38.02 5.56 -10.25
CB MSE C 112 37.78 2.86 -11.49
CG MSE C 112 37.58 1.83 -12.57
SE MSE C 112 35.86 1.68 -13.00
CE MSE C 112 34.99 1.56 -11.42
N THR C 113 40.16 5.22 -10.87
CA THR C 113 40.70 6.00 -9.78
C THR C 113 41.19 7.33 -10.30
N SER C 114 41.13 7.53 -11.61
CA SER C 114 41.80 8.68 -12.20
C SER C 114 40.94 9.96 -12.22
N GLY C 115 39.66 9.85 -11.88
CA GLY C 115 38.79 11.03 -11.82
C GLY C 115 37.56 10.64 -11.03
N PRO C 116 36.59 11.53 -10.89
CA PRO C 116 35.34 11.18 -10.23
C PRO C 116 34.50 10.14 -11.02
N ASN C 117 33.78 9.28 -10.29
CA ASN C 117 32.82 8.37 -10.88
C ASN C 117 31.44 8.89 -10.53
N VAL C 118 30.41 8.40 -11.20
CA VAL C 118 29.04 8.61 -10.72
C VAL C 118 28.44 7.24 -10.63
N VAL C 119 27.92 6.86 -9.44
CA VAL C 119 27.34 5.57 -9.12
C VAL C 119 25.83 5.76 -8.97
N MSE C 120 25.06 4.86 -9.56
CA MSE C 120 23.61 4.96 -9.46
C MSE C 120 23.01 3.56 -9.34
O MSE C 120 23.60 2.56 -9.77
CB MSE C 120 22.96 5.81 -10.64
CG MSE C 120 22.80 5.08 -11.99
SE MSE C 120 22.46 6.19 -13.41
CE MSE C 120 23.93 7.15 -13.38
N VAL C 121 21.85 3.50 -8.72
CA VAL C 121 21.08 2.27 -8.66
C VAL C 121 19.83 2.48 -9.51
N LEU C 122 19.53 1.50 -10.35
CA LEU C 122 18.44 1.58 -11.31
C LEU C 122 17.58 0.46 -10.87
N LYS C 123 16.28 0.71 -10.90
CA LYS C 123 15.31 -0.20 -10.39
C LYS C 123 14.20 -0.26 -11.41
N GLY C 124 13.76 -1.45 -11.71
CA GLY C 124 12.68 -1.65 -12.67
C GLY C 124 12.61 -3.14 -13.03
N ASN C 125 11.51 -3.54 -13.67
CA ASN C 125 11.38 -4.90 -14.19
C ASN C 125 12.68 -5.32 -14.89
N ARG C 126 13.23 -6.46 -14.48
CA ARG C 126 14.50 -7.01 -15.05
C ARG C 126 15.66 -6.02 -15.28
N ALA C 127 15.81 -5.11 -14.33
CA ALA C 127 16.80 -4.07 -14.39
C ALA C 127 18.15 -4.51 -14.90
N VAL C 128 18.63 -5.66 -14.43
CA VAL C 128 20.02 -6.06 -14.58
C VAL C 128 20.28 -6.35 -16.05
N GLU C 129 19.42 -7.17 -16.64
CA GLU C 129 19.50 -7.56 -18.05
C GLU C 129 19.20 -6.35 -18.97
N ILE C 130 18.21 -5.52 -18.60
CA ILE C 130 17.82 -4.36 -19.39
C ILE C 130 18.94 -3.33 -19.53
N VAL C 131 19.57 -2.99 -18.41
CA VAL C 131 20.79 -2.18 -18.39
C VAL C 131 21.97 -2.78 -19.19
N ARG C 132 22.28 -4.07 -19.05
CA ARG C 132 23.31 -4.68 -19.89
C ARG C 132 22.96 -4.49 -21.34
N LYS C 133 21.67 -4.68 -21.72
CA LYS C 133 21.25 -4.60 -23.12
C LYS C 133 21.44 -3.16 -23.64
N LEU C 134 20.89 -2.17 -22.93
CA LEU C 134 21.06 -0.76 -23.28
C LEU C 134 22.52 -0.28 -23.37
N VAL C 135 23.35 -0.77 -22.45
CA VAL C 135 24.76 -0.38 -22.34
C VAL C 135 25.56 -0.93 -23.51
N GLY C 136 25.29 -2.21 -23.86
CA GLY C 136 25.92 -2.84 -25.04
C GLY C 136 27.20 -3.58 -24.70
N PRO C 137 27.82 -4.26 -25.70
CA PRO C 137 28.94 -5.18 -25.35
C PRO C 137 30.23 -4.44 -24.98
N THR C 138 31.20 -5.21 -24.52
CA THR C 138 32.34 -4.65 -23.82
C THR C 138 33.24 -3.76 -24.71
N SER C 139 33.27 -4.05 -25.99
CA SER C 139 34.02 -3.22 -26.87
C SER C 139 33.11 -2.19 -27.60
N PRO C 140 33.32 -0.88 -27.36
CA PRO C 140 32.52 0.08 -28.09
C PRO C 140 32.65 -0.02 -29.60
N HIS C 141 33.87 -0.14 -30.15
CA HIS C 141 33.99 -0.23 -31.61
C HIS C 141 33.09 -1.26 -32.27
N SER C 142 32.80 -2.38 -31.57
CA SER C 142 31.81 -3.38 -32.07
C SER C 142 30.41 -3.35 -31.46
N ALA C 143 30.15 -2.42 -30.55
CA ALA C 143 28.81 -2.30 -30.00
C ALA C 143 27.87 -1.71 -31.06
N PRO C 144 26.72 -2.35 -31.26
CA PRO C 144 25.78 -1.83 -32.24
C PRO C 144 25.33 -0.35 -31.96
N PRO C 145 25.08 0.45 -33.02
CA PRO C 145 24.38 1.75 -32.76
C PRO C 145 23.05 1.59 -32.04
N GLY C 146 22.69 2.57 -31.20
CA GLY C 146 21.56 2.46 -30.31
C GLY C 146 22.03 2.15 -28.91
N THR C 147 23.15 1.44 -28.79
CA THR C 147 23.68 1.11 -27.46
C THR C 147 24.49 2.27 -26.92
N ILE C 148 24.54 2.42 -25.59
CA ILE C 148 25.30 3.49 -24.99
C ILE C 148 26.79 3.37 -25.46
N ARG C 149 27.33 2.14 -25.50
CA ARG C 149 28.73 1.98 -25.81
C ARG C 149 28.98 2.26 -27.29
N GLY C 150 28.02 1.90 -28.13
CA GLY C 150 28.13 2.15 -29.56
C GLY C 150 27.89 3.62 -29.94
N ASP C 151 27.03 4.32 -29.22
CA ASP C 151 26.75 5.69 -29.62
C ASP C 151 27.74 6.67 -29.03
N TYR C 152 28.42 6.30 -27.95
CA TYR C 152 29.27 7.26 -27.24
C TYR C 152 30.74 6.94 -27.11
N SER C 153 31.24 5.98 -27.86
CA SER C 153 32.65 5.64 -27.77
C SER C 153 33.07 4.86 -29.01
N ILE C 154 34.36 4.98 -29.32
CA ILE C 154 34.98 4.36 -30.46
C ILE C 154 36.26 3.63 -30.01
N ASP C 155 36.46 3.46 -28.70
CA ASP C 155 37.62 2.70 -28.21
C ASP C 155 37.56 1.23 -28.61
N SER C 156 38.71 0.56 -28.61
CA SER C 156 38.74 -0.85 -29.00
C SER C 156 39.78 -1.65 -28.23
N PRO C 157 39.60 -2.96 -28.10
CA PRO C 157 40.54 -3.73 -27.27
C PRO C 157 42.00 -3.76 -27.76
N ASP C 158 42.23 -3.62 -29.06
CA ASP C 158 43.61 -3.51 -29.61
C ASP C 158 44.33 -2.22 -29.27
N LEU C 159 43.67 -1.09 -29.47
CA LEU C 159 44.18 0.17 -28.96
C LEU C 159 44.48 0.06 -27.44
N ALA C 160 43.54 -0.39 -26.63
CA ALA C 160 43.79 -0.55 -25.18
C ALA C 160 45.04 -1.41 -24.84
N ALA C 161 45.12 -2.58 -25.48
CA ALA C 161 46.27 -3.48 -25.41
C ALA C 161 47.59 -2.83 -25.82
N GLU C 162 47.59 -1.97 -26.85
CA GLU C 162 48.81 -1.31 -27.22
C GLU C 162 49.17 -0.21 -26.25
N GLU C 163 48.21 0.60 -25.83
CA GLU C 163 48.48 1.70 -24.87
C GLU C 163 48.65 1.22 -23.41
N GLY C 164 48.68 -0.10 -23.18
CA GLY C 164 48.72 -0.65 -21.82
C GLY C 164 47.66 -0.12 -20.84
N ARG C 165 46.38 -0.19 -21.23
CA ARG C 165 45.24 0.14 -20.37
C ARG C 165 44.06 -0.83 -20.62
N VAL C 166 42.99 -0.64 -19.87
CA VAL C 166 41.75 -1.33 -20.09
C VAL C 166 41.01 -0.47 -21.09
N VAL C 167 39.92 -1.04 -21.58
CA VAL C 167 39.04 -0.37 -22.52
C VAL C 167 38.27 0.67 -21.75
N PHE C 168 38.19 1.87 -22.34
CA PHE C 168 37.39 2.97 -21.85
C PHE C 168 35.97 2.81 -22.37
N ASN C 169 35.24 1.85 -21.80
CA ASN C 169 33.89 1.56 -22.23
C ASN C 169 32.79 2.22 -21.39
N LEU C 170 33.11 3.39 -20.81
CA LEU C 170 32.12 4.33 -20.23
C LEU C 170 31.49 3.97 -18.86
N VAL C 171 31.14 2.70 -18.67
CA VAL C 171 30.30 2.25 -17.56
C VAL C 171 30.67 0.83 -17.14
N HIS C 172 30.19 0.50 -15.94
CA HIS C 172 30.16 -0.85 -15.44
C HIS C 172 28.73 -1.13 -15.08
N ALA C 173 28.21 -2.27 -15.49
CA ALA C 173 26.88 -2.68 -15.06
C ALA C 173 27.00 -4.02 -14.35
N SER C 174 26.22 -4.19 -13.28
CA SER C 174 26.19 -5.43 -12.54
C SER C 174 25.89 -6.52 -13.54
N ASP C 175 26.65 -7.61 -13.48
CA ASP C 175 26.43 -8.63 -14.46
C ASP C 175 25.40 -9.64 -14.04
N SER C 176 24.79 -9.51 -12.86
CA SER C 176 23.75 -10.51 -12.38
C SER C 176 22.93 -10.01 -11.18
N PRO C 177 21.73 -10.60 -10.92
CA PRO C 177 20.96 -10.22 -9.70
C PRO C 177 21.83 -10.27 -8.43
N SER C 178 22.38 -11.44 -8.15
CA SER C 178 23.36 -11.66 -7.06
C SER C 178 24.51 -10.63 -6.96
N GLU C 179 25.28 -10.47 -8.03
CA GLU C 179 26.32 -9.44 -8.07
C GLU C 179 25.76 -8.02 -7.85
N ALA C 180 24.55 -7.74 -8.34
CA ALA C 180 23.91 -6.47 -8.10
C ALA C 180 23.68 -6.19 -6.62
N GLU C 181 23.08 -7.14 -5.87
CA GLU C 181 22.88 -6.96 -4.41
C GLU C 181 24.20 -6.70 -3.69
N ARG C 182 25.25 -7.42 -4.05
CA ARG C 182 26.59 -7.16 -3.48
C ARG C 182 27.16 -5.74 -3.82
N GLU C 183 27.22 -5.38 -5.11
CA GLU C 183 27.78 -4.07 -5.51
C GLU C 183 26.90 -2.90 -5.02
N ILE C 184 25.59 -3.08 -4.98
CA ILE C 184 24.76 -2.06 -4.34
C ILE C 184 25.15 -1.85 -2.87
N ARG C 185 25.22 -2.92 -2.08
CA ARG C 185 25.51 -2.81 -0.61
C ARG C 185 26.87 -2.17 -0.39
N PHE C 186 27.80 -2.50 -1.27
CA PHE C 186 29.12 -1.89 -1.27
C PHE C 186 29.13 -0.36 -1.30
N TRP C 187 28.32 0.23 -2.18
CA TRP C 187 28.37 1.68 -2.39
C TRP C 187 27.40 2.47 -1.54
N PHE C 188 26.31 1.83 -1.08
CA PHE C 188 25.21 2.54 -0.44
C PHE C 188 24.76 1.89 0.86
N ARG C 189 24.64 2.68 1.93
CA ARG C 189 24.06 2.16 3.17
C ARG C 189 22.54 2.02 2.97
N GLU C 190 21.88 1.12 3.69
CA GLU C 190 20.45 0.82 3.47
C GLU C 190 19.58 2.07 3.22
N GLU C 191 19.77 3.08 4.06
CA GLU C 191 19.04 4.31 3.91
C GLU C 191 19.82 5.36 3.10
N GLU C 192 20.21 4.98 1.89
CA GLU C 192 20.61 5.89 0.82
C GLU C 192 19.92 5.37 -0.45
N VAL C 193 19.38 4.15 -0.37
CA VAL C 193 18.60 3.53 -1.44
C VAL C 193 17.10 3.71 -1.13
N LEU C 194 16.46 4.62 -1.88
CA LEU C 194 15.14 5.17 -1.53
C LEU C 194 14.03 4.81 -2.53
N GLU C 195 13.14 3.88 -2.17
CA GLU C 195 12.09 3.42 -3.11
C GLU C 195 10.68 3.66 -2.60
C TRS D . 13.59 29.64 -3.19
C1 TRS D . 12.84 30.50 -2.16
C2 TRS D . 14.53 28.65 -2.47
C3 TRS D . 12.54 28.90 -3.99
N TRS D . 14.35 30.52 -4.10
O1 TRS D . 12.00 31.42 -2.90
O2 TRS D . 13.80 27.59 -1.84
O3 TRS D . 11.48 28.59 -3.07
C1 PGE E . 18.42 30.61 -1.52
O1 PGE E . 17.57 31.49 -2.28
C2 PGE E . 19.85 31.16 -1.20
O2 PGE E . 20.22 31.89 0.03
C3 PGE E . 19.18 32.49 0.96
C4 PGE E . 18.65 31.44 1.97
O4 PGE E . 15.23 30.21 -0.56
C6 PGE E . 15.63 31.35 0.22
C5 PGE E . 16.37 30.83 1.47
O3 PGE E . 17.74 30.36 1.46
C TRS F . -46.19 -28.14 19.40
C1 TRS F . -46.57 -29.53 19.89
C2 TRS F . -47.45 -27.46 18.85
C3 TRS F . -45.62 -27.40 20.58
N TRS F . -45.14 -28.21 18.37
O1 TRS F . -45.33 -30.25 19.96
O2 TRS F . -48.25 -26.99 19.94
O3 TRS F . -46.20 -27.98 21.75
C1 PGE G . -46.81 -27.79 14.96
O1 PGE G . -45.67 -28.65 15.13
C2 PGE G . -47.56 -28.16 13.66
O2 PGE G . -48.86 -27.58 13.22
C3 PGE G . -49.77 -28.62 12.72
C4 PGE G . -50.33 -29.77 13.64
O4 PGE G . -48.33 -30.32 17.54
C6 PGE G . -48.93 -30.41 16.25
C5 PGE G . -50.03 -29.34 16.10
O3 PGE G . -50.94 -29.35 14.92
C TRS H . 33.25 -4.36 -17.12
C1 TRS H . 34.47 -5.27 -17.22
C2 TRS H . 33.04 -3.99 -15.64
C3 TRS H . 33.57 -3.13 -17.98
N TRS H . 32.05 -5.02 -17.68
O1 TRS H . 34.21 -6.18 -18.34
O2 TRS H . 33.95 -2.95 -15.31
O3 TRS H . 35.00 -3.04 -18.06
C1 PGE I . 30.39 -6.41 -13.82
O1 PGE I . 30.35 -6.92 -15.17
C2 PGE I . 29.30 -7.06 -12.93
O2 PGE I . 29.61 -7.73 -11.65
C3 PGE I . 30.53 -8.96 -11.70
C4 PGE I . 32.01 -8.72 -11.35
O4 PGE I . 33.57 -6.99 -14.97
C6 PGE I . 33.30 -7.82 -13.86
C5 PGE I . 33.29 -6.93 -12.60
O3 PGE I . 32.47 -7.30 -11.43
#